data_2ZS6
#
_entry.id   2ZS6
#
_cell.length_a   176.397
_cell.length_b   176.397
_cell.length_c   80.911
_cell.angle_alpha   90.00
_cell.angle_beta   90.00
_cell.angle_gamma   120.00
#
_symmetry.space_group_name_H-M   'P 63'
#
loop_
_entity.id
_entity.type
_entity.pdbx_description
1 polymer 'Hemagglutinin components HA3'
2 polymer 'Hemagglutinin components HA3'
3 water water
#
loop_
_entity_poly.entity_id
_entity_poly.type
_entity_poly.pdbx_seq_one_letter_code
_entity_poly.pdbx_strand_id
1 'polypeptide(L)'
;ISEFDYKDHEIDYKDDDDKWIMSLSIKELYYTKDKSINNVNLADGNYVVNRGDGWILSRQNQNLGGNISNNGCTAIVGDL
RIRETATPYYYPTASFNEEYIKNNVQNVFANFTEASEIPIGFEFSKTAPSNKSLYMYLQYTYIRYEIIKVLQNTVTERAV
LYVPSLGYVKSIEFNSEEQIDKNFYFTSQDKCILNEKFIYKKIDD
;
A
2 'polypeptide(L)'
;QTILPYPNGLYVINKGDGYMRTNDKDLIGTLLIESSTSGSIIQPRLRNTTRPLFNTSNPTIFSQEYTEARLNDAFNIQLF
NTSTTLFKFVEEAPTNKNISMKVYNTYEKYELINYQNGNIDDKAEYYLPSLGKCEVSDAPSPQAPVVETPVDQDGFIQTG
PNENIIVGVINPSENIEEISTPIPDDYTYNIPTSIQNNACYVLFKVNTTGVYKITTKNNLPPLIIYEAIGSSNRNMNSNN
LSNDNIKAIKYITGLNRSDAKSYLIVSLFKDKNYYIRIPQISSSTTSQLIFKRELGNISDLADSTVNILDNLNTSGTHYY
TRQSPDVGNYISYQLTIPGDFNNIASSIFSFRTRNNQGIGTLYRLTESINGYNLITINNYSDLLNNVEPISLLNGATYIF
RVKVTELNNYNIIFDAYRNS
;
B
#
# COMPACT_ATOMS: atom_id res chain seq x y z
N LEU A 29 1.97 0.02 -0.45
CA LEU A 29 2.33 1.46 -0.40
C LEU A 29 3.25 1.83 -1.58
N TYR A 30 2.95 1.31 -2.77
CA TYR A 30 3.69 1.67 -4.00
C TYR A 30 2.87 1.46 -5.27
N TYR A 31 3.44 1.87 -6.41
CA TYR A 31 2.78 1.75 -7.72
C TYR A 31 3.67 2.13 -8.91
N THR A 32 3.30 1.63 -10.09
CA THR A 32 3.97 1.94 -11.37
C THR A 32 3.11 2.88 -12.24
N LYS A 33 3.43 2.97 -13.53
CA LYS A 33 2.78 3.90 -14.45
C LYS A 33 2.33 3.21 -15.75
N ASP A 34 1.28 3.74 -16.38
CA ASP A 34 0.82 3.29 -17.69
C ASP A 34 0.04 4.39 -18.43
N LYS A 35 0.68 5.00 -19.45
CA LYS A 35 -0.02 5.88 -20.45
C LYS A 35 -0.95 5.40 -21.60
N SER A 36 -0.60 4.19 -22.09
CA SER A 36 -1.18 3.57 -23.31
C SER A 36 -0.80 2.06 -23.46
N ILE A 37 -0.60 1.65 -24.73
CA ILE A 37 -0.21 0.32 -25.28
C ILE A 37 -1.21 -0.83 -25.17
N ASN A 38 -2.34 -0.63 -25.84
CA ASN A 38 -3.43 -1.61 -25.81
C ASN A 38 -3.76 -2.08 -27.22
N ASN A 39 -2.75 -2.05 -28.10
CA ASN A 39 -2.93 -2.41 -29.50
C ASN A 39 -3.03 -3.92 -29.66
N VAL A 40 -4.03 -4.37 -30.42
CA VAL A 40 -4.25 -5.80 -30.66
C VAL A 40 -4.47 -6.06 -32.14
N ASN A 41 -3.58 -6.85 -32.75
CA ASN A 41 -3.66 -7.16 -34.17
C ASN A 41 -4.69 -8.24 -34.47
N LEU A 42 -5.97 -7.89 -34.40
CA LEU A 42 -7.05 -8.82 -34.76
C LEU A 42 -8.35 -8.08 -35.08
N ALA A 43 -9.27 -8.78 -35.73
CA ALA A 43 -10.50 -8.19 -36.26
C ALA A 43 -11.48 -7.75 -35.16
N ASP A 44 -12.48 -6.96 -35.56
CA ASP A 44 -13.56 -6.53 -34.66
C ASP A 44 -14.20 -7.73 -33.98
N GLY A 45 -14.64 -7.53 -32.74
CA GLY A 45 -15.41 -8.55 -32.02
C GLY A 45 -14.97 -8.81 -30.60
N ASN A 46 -15.43 -9.94 -30.07
CA ASN A 46 -15.13 -10.35 -28.70
C ASN A 46 -14.20 -11.56 -28.66
N TYR A 47 -13.32 -11.59 -27.67
CA TYR A 47 -12.31 -12.63 -27.56
C TYR A 47 -12.16 -13.10 -26.12
N VAL A 48 -11.93 -14.39 -25.94
CA VAL A 48 -11.48 -14.94 -24.67
C VAL A 48 -9.99 -15.23 -24.82
N VAL A 49 -9.19 -14.76 -23.87
CA VAL A 49 -7.74 -14.88 -23.97
C VAL A 49 -7.10 -15.41 -22.68
N ASN A 50 -6.26 -16.41 -22.84
CA ASN A 50 -5.44 -16.95 -21.77
C ASN A 50 -4.18 -16.10 -21.69
N ARG A 51 -4.01 -15.41 -20.56
CA ARG A 51 -2.88 -14.51 -20.37
C ARG A 51 -1.70 -15.20 -19.67
N GLY A 52 -1.83 -16.49 -19.38
CA GLY A 52 -0.73 -17.31 -18.88
C GLY A 52 -0.90 -17.71 -17.42
N ASP A 53 -0.07 -18.66 -17.01
CA ASP A 53 -0.02 -19.12 -15.62
C ASP A 53 1.03 -18.28 -14.87
N GLY A 54 1.05 -18.38 -13.55
CA GLY A 54 2.07 -17.74 -12.74
C GLY A 54 1.79 -16.31 -12.33
N TRP A 55 0.51 -15.92 -12.31
CA TRP A 55 0.14 -14.58 -11.86
C TRP A 55 0.03 -14.54 -10.34
N ILE A 56 0.56 -13.48 -9.76
CA ILE A 56 0.39 -13.23 -8.33
C ILE A 56 -0.33 -11.89 -8.13
N LEU A 57 -1.17 -11.82 -7.11
CA LEU A 57 -2.08 -10.68 -6.93
C LEU A 57 -1.58 -9.71 -5.88
N SER A 58 -1.92 -8.43 -6.04
CA SER A 58 -1.44 -7.37 -5.17
C SER A 58 -1.87 -7.53 -3.71
N ARG A 59 -1.01 -7.21 -2.75
CA ARG A 59 -1.35 -7.11 -1.31
C ARG A 59 -1.75 -8.35 -0.57
N GLN A 60 -1.64 -9.48 -1.21
CA GLN A 60 -1.91 -10.71 -0.48
C GLN A 60 -0.68 -11.62 -0.28
N ASN A 61 0.51 -11.06 -0.54
CA ASN A 61 1.76 -11.79 -0.53
C ASN A 61 1.95 -12.74 0.65
N GLN A 62 1.76 -12.21 1.85
CA GLN A 62 2.09 -12.93 3.06
C GLN A 62 0.87 -13.47 3.80
N ASN A 63 -0.26 -13.61 3.10
CA ASN A 63 -1.50 -14.03 3.74
C ASN A 63 -1.42 -15.44 4.34
N LEU A 64 -0.67 -16.33 3.71
CA LEU A 64 -0.53 -17.71 4.19
C LEU A 64 0.51 -17.87 5.30
N GLY A 65 1.30 -16.82 5.54
CA GLY A 65 2.32 -16.85 6.58
C GLY A 65 3.67 -17.22 6.00
N GLY A 66 4.69 -17.22 6.86
CA GLY A 66 6.04 -17.52 6.44
C GLY A 66 6.77 -18.43 7.41
N ASN A 67 7.97 -18.83 7.01
CA ASN A 67 8.70 -19.91 7.64
C ASN A 67 10.16 -19.50 7.86
N ILE A 68 10.70 -19.82 9.04
CA ILE A 68 12.05 -19.42 9.44
C ILE A 68 12.87 -20.64 9.84
N SER A 69 14.08 -20.74 9.29
CA SER A 69 14.99 -21.84 9.60
C SER A 69 16.40 -21.30 9.67
N ASN A 70 17.35 -22.14 10.08
CA ASN A 70 18.75 -21.73 10.16
C ASN A 70 19.73 -22.90 10.07
N ASN A 71 21.00 -22.56 9.86
CA ASN A 71 22.12 -23.46 10.09
C ASN A 71 21.99 -24.85 9.44
N GLY A 72 21.70 -24.91 8.15
CA GLY A 72 21.68 -26.17 7.43
C GLY A 72 20.39 -26.97 7.55
N CYS A 73 19.35 -26.38 8.15
CA CYS A 73 18.06 -27.03 8.20
C CYS A 73 17.33 -26.87 6.86
N THR A 74 16.60 -27.92 6.45
CA THR A 74 15.75 -27.80 5.27
C THR A 74 14.35 -27.42 5.72
N ALA A 75 13.83 -26.35 5.13
CA ALA A 75 12.47 -25.89 5.41
C ALA A 75 11.57 -26.25 4.24
N ILE A 76 10.37 -26.73 4.55
CA ILE A 76 9.42 -27.12 3.53
C ILE A 76 8.08 -26.45 3.83
N VAL A 77 7.49 -25.86 2.79
CA VAL A 77 6.14 -25.32 2.89
C VAL A 77 5.34 -25.82 1.69
N GLY A 78 4.06 -26.08 1.91
CA GLY A 78 3.21 -26.57 0.83
C GLY A 78 1.74 -26.42 1.15
N ASP A 79 0.91 -26.96 0.26
CA ASP A 79 -0.53 -26.86 0.41
C ASP A 79 -1.23 -27.90 -0.47
N LEU A 80 -2.21 -28.60 0.10
CA LEU A 80 -3.11 -29.46 -0.65
C LEU A 80 -4.38 -28.66 -0.89
N ARG A 81 -4.32 -27.75 -1.85
CA ARG A 81 -5.39 -26.78 -2.08
C ARG A 81 -6.64 -27.39 -2.73
N ILE A 82 -7.75 -27.30 -2.02
CA ILE A 82 -9.01 -27.94 -2.42
C ILE A 82 -10.02 -26.89 -2.90
N ARG A 83 -11.29 -27.28 -3.01
CA ARG A 83 -12.33 -26.39 -3.56
C ARG A 83 -12.63 -25.19 -2.66
N GLU A 84 -12.62 -25.41 -1.36
CA GLU A 84 -13.02 -24.37 -0.39
C GLU A 84 -11.94 -23.32 -0.11
N THR A 85 -10.72 -23.55 -0.57
CA THR A 85 -9.64 -22.55 -0.50
C THR A 85 -9.25 -22.00 -1.87
N ALA A 86 -9.57 -22.73 -2.94
CA ALA A 86 -9.32 -22.25 -4.29
C ALA A 86 -10.39 -21.26 -4.71
N THR A 87 -10.27 -20.02 -4.24
CA THR A 87 -11.23 -18.96 -4.57
C THR A 87 -10.82 -18.23 -5.85
N PRO A 88 -11.65 -18.31 -6.91
CA PRO A 88 -11.40 -17.48 -8.08
C PRO A 88 -11.74 -16.01 -7.83
N TYR A 89 -11.14 -15.12 -8.61
CA TYR A 89 -11.43 -13.69 -8.52
C TYR A 89 -11.96 -13.18 -9.85
N TYR A 90 -13.23 -12.79 -9.85
CA TYR A 90 -13.90 -12.26 -11.04
C TYR A 90 -13.90 -10.74 -11.02
N TYR A 91 -13.55 -10.15 -12.16
CA TYR A 91 -13.62 -8.70 -12.33
C TYR A 91 -14.41 -8.45 -13.60
N PRO A 92 -15.76 -8.52 -13.49
CA PRO A 92 -16.64 -8.44 -14.65
C PRO A 92 -16.84 -7.01 -15.13
N THR A 93 -17.62 -6.86 -16.19
CA THR A 93 -17.79 -5.59 -16.87
C THR A 93 -19.17 -5.52 -17.52
N ALA A 94 -19.52 -4.33 -18.01
CA ALA A 94 -20.85 -4.06 -18.58
C ALA A 94 -21.41 -5.20 -19.42
N SER A 95 -20.67 -5.62 -20.44
CA SER A 95 -21.15 -6.63 -21.39
C SER A 95 -20.64 -8.05 -21.11
N PHE A 96 -19.73 -8.21 -20.15
CA PHE A 96 -19.19 -9.52 -19.80
C PHE A 96 -19.42 -9.84 -18.31
N ASN A 97 -20.53 -10.50 -17.99
CA ASN A 97 -20.81 -10.89 -16.60
C ASN A 97 -20.04 -12.16 -16.19
N GLU A 98 -20.14 -12.53 -14.93
CA GLU A 98 -19.35 -13.64 -14.39
C GLU A 98 -19.63 -14.98 -15.07
N GLU A 99 -20.91 -15.25 -15.35
CA GLU A 99 -21.29 -16.50 -15.98
C GLU A 99 -20.74 -16.57 -17.41
N TYR A 100 -20.77 -15.42 -18.08
CA TYR A 100 -20.27 -15.32 -19.45
C TYR A 100 -18.77 -15.59 -19.51
N ILE A 101 -18.04 -15.04 -18.54
CA ILE A 101 -16.59 -15.23 -18.46
C ILE A 101 -16.27 -16.70 -18.19
N LYS A 102 -16.92 -17.24 -17.16
CA LYS A 102 -16.76 -18.64 -16.76
C LYS A 102 -16.97 -19.61 -17.93
N ASN A 103 -18.10 -19.49 -18.62
CA ASN A 103 -18.47 -20.42 -19.68
C ASN A 103 -17.53 -20.39 -20.88
N ASN A 104 -17.12 -19.19 -21.29
CA ASN A 104 -16.25 -19.05 -22.44
C ASN A 104 -14.82 -19.50 -22.15
N VAL A 105 -14.37 -19.27 -20.93
CA VAL A 105 -13.06 -19.74 -20.47
C VAL A 105 -13.07 -21.26 -20.34
N GLN A 106 -14.09 -21.81 -19.70
CA GLN A 106 -14.14 -23.24 -19.42
C GLN A 106 -14.47 -24.07 -20.66
N ASN A 107 -15.02 -23.44 -21.68
CA ASN A 107 -15.28 -24.11 -22.94
C ASN A 107 -14.02 -24.28 -23.79
N VAL A 108 -13.15 -23.27 -23.79
CA VAL A 108 -11.95 -23.30 -24.63
C VAL A 108 -10.72 -23.78 -23.86
N PHE A 109 -10.58 -23.34 -22.62
CA PHE A 109 -9.43 -23.67 -21.77
C PHE A 109 -9.85 -24.66 -20.66
N ALA A 110 -8.97 -24.86 -19.67
CA ALA A 110 -9.21 -25.83 -18.60
C ALA A 110 -10.49 -25.55 -17.82
N ASN A 111 -11.25 -26.60 -17.54
CA ASN A 111 -12.44 -26.48 -16.71
C ASN A 111 -12.04 -26.47 -15.24
N PHE A 112 -11.86 -25.27 -14.70
CA PHE A 112 -11.37 -25.10 -13.33
C PHE A 112 -12.37 -25.52 -12.26
N THR A 113 -13.66 -25.43 -12.56
CA THR A 113 -14.71 -25.85 -11.63
C THR A 113 -14.62 -27.35 -11.40
N GLU A 114 -14.61 -28.11 -12.49
CA GLU A 114 -14.41 -29.57 -12.40
C GLU A 114 -13.09 -29.91 -11.71
N ALA A 115 -12.01 -29.24 -12.12
CA ALA A 115 -10.69 -29.50 -11.57
C ALA A 115 -10.60 -29.23 -10.06
N SER A 116 -11.39 -28.26 -9.60
CA SER A 116 -11.40 -27.87 -8.17
C SER A 116 -11.91 -28.97 -7.26
N GLU A 117 -12.64 -29.93 -7.81
CA GLU A 117 -13.17 -31.06 -7.05
C GLU A 117 -12.11 -32.13 -6.74
N ILE A 118 -10.93 -32.04 -7.38
CA ILE A 118 -9.88 -33.04 -7.19
C ILE A 118 -8.65 -32.40 -6.55
N PRO A 119 -8.39 -32.72 -5.27
CA PRO A 119 -7.26 -32.12 -4.56
C PRO A 119 -5.90 -32.35 -5.21
N ILE A 120 -5.12 -31.29 -5.33
CA ILE A 120 -3.76 -31.35 -5.83
C ILE A 120 -2.84 -30.70 -4.79
N GLY A 121 -1.70 -31.32 -4.55
CA GLY A 121 -0.72 -30.78 -3.61
C GLY A 121 0.48 -30.20 -4.33
N PHE A 122 1.07 -29.18 -3.72
CA PHE A 122 2.37 -28.68 -4.14
C PHE A 122 3.18 -28.26 -2.92
N GLU A 123 4.50 -28.37 -3.02
CA GLU A 123 5.36 -27.85 -1.98
C GLU A 123 6.73 -27.43 -2.48
N PHE A 124 7.36 -26.53 -1.74
CA PHE A 124 8.70 -26.04 -2.04
C PHE A 124 9.60 -26.38 -0.87
N SER A 125 10.89 -26.56 -1.14
CA SER A 125 11.85 -26.69 -0.06
C SER A 125 13.17 -25.97 -0.36
N LYS A 126 13.82 -25.51 0.70
CA LYS A 126 15.11 -24.85 0.61
C LYS A 126 15.90 -25.10 1.89
N THR A 127 17.20 -25.31 1.74
CA THR A 127 18.09 -25.55 2.86
C THR A 127 18.70 -24.23 3.34
N ALA A 128 18.46 -23.89 4.60
CA ALA A 128 19.08 -22.72 5.19
C ALA A 128 20.61 -22.89 5.16
N PRO A 129 21.33 -21.84 4.75
CA PRO A 129 22.80 -21.96 4.68
C PRO A 129 23.42 -22.08 6.06
N SER A 130 24.69 -22.49 6.11
CA SER A 130 25.35 -22.70 7.38
C SER A 130 25.57 -21.35 8.07
N ASN A 131 25.29 -21.32 9.38
CA ASN A 131 25.48 -20.13 10.21
C ASN A 131 24.69 -18.89 9.75
N LYS A 132 23.56 -19.11 9.08
CA LYS A 132 22.68 -18.01 8.71
C LYS A 132 21.21 -18.41 8.81
N SER A 133 20.33 -17.41 8.82
CA SER A 133 18.89 -17.62 8.94
C SER A 133 18.18 -17.40 7.62
N LEU A 134 17.17 -18.21 7.35
CA LEU A 134 16.40 -18.16 6.11
C LEU A 134 14.93 -17.88 6.39
N TYR A 135 14.35 -16.94 5.64
CA TYR A 135 12.90 -16.69 5.70
C TYR A 135 12.27 -16.98 4.35
N MET A 136 11.12 -17.64 4.40
CA MET A 136 10.44 -18.18 3.23
C MET A 136 8.95 -17.94 3.40
N TYR A 137 8.27 -17.42 2.38
CA TYR A 137 6.82 -17.28 2.45
C TYR A 137 6.11 -17.72 1.18
N LEU A 138 4.86 -18.14 1.35
CA LEU A 138 4.08 -18.76 0.28
C LEU A 138 2.90 -17.90 -0.11
N GLN A 139 2.59 -17.88 -1.40
CA GLN A 139 1.38 -17.26 -1.90
C GLN A 139 0.85 -18.06 -3.08
N TYR A 140 -0.44 -17.94 -3.36
CA TYR A 140 -1.03 -18.64 -4.48
C TYR A 140 -0.67 -17.97 -5.79
N THR A 141 -0.55 -18.78 -6.82
CA THR A 141 -0.40 -18.30 -8.19
C THR A 141 -1.73 -18.52 -8.90
N TYR A 142 -1.87 -17.88 -10.05
CA TYR A 142 -3.12 -17.90 -10.79
C TYR A 142 -2.88 -17.93 -12.29
N ILE A 143 -3.86 -18.46 -13.01
CA ILE A 143 -3.95 -18.24 -14.45
C ILE A 143 -4.84 -17.03 -14.65
N ARG A 144 -4.40 -16.10 -15.49
CA ARG A 144 -5.19 -14.92 -15.80
C ARG A 144 -5.91 -15.11 -17.11
N TYR A 145 -7.23 -14.98 -17.07
CA TYR A 145 -8.04 -14.96 -18.28
C TYR A 145 -8.62 -13.57 -18.43
N GLU A 146 -8.70 -13.12 -19.67
CA GLU A 146 -9.35 -11.86 -20.00
C GLU A 146 -10.42 -12.14 -21.04
N ILE A 147 -11.47 -11.34 -21.00
CA ILE A 147 -12.44 -11.30 -22.08
C ILE A 147 -12.48 -9.87 -22.58
N ILE A 148 -12.07 -9.69 -23.84
CA ILE A 148 -11.87 -8.36 -24.41
C ILE A 148 -12.83 -8.07 -25.56
N LYS A 149 -13.21 -6.80 -25.69
CA LYS A 149 -13.95 -6.28 -26.83
C LYS A 149 -13.01 -5.38 -27.63
N VAL A 150 -12.92 -5.62 -28.93
CA VAL A 150 -11.97 -4.88 -29.77
C VAL A 150 -12.61 -4.25 -31.01
N LEU A 151 -12.07 -3.11 -31.44
CA LEU A 151 -12.47 -2.42 -32.67
C LEU A 151 -11.27 -2.33 -33.63
N GLN A 152 -10.79 -3.45 -34.14
CA GLN A 152 -9.77 -3.51 -35.25
C GLN A 152 -8.43 -2.86 -34.99
N ASN A 153 -8.33 -2.31 -33.79
CA ASN A 153 -7.04 -1.81 -33.33
C ASN A 153 -6.80 -1.98 -31.83
N THR A 154 -7.80 -1.65 -31.00
CA THR A 154 -7.59 -1.49 -29.56
C THR A 154 -8.72 -2.09 -28.73
N VAL A 155 -8.43 -2.39 -27.47
CA VAL A 155 -9.42 -2.96 -26.54
C VAL A 155 -10.32 -1.86 -25.98
N THR A 156 -11.62 -2.00 -26.19
CA THR A 156 -12.61 -1.05 -25.68
C THR A 156 -13.10 -1.45 -24.29
N GLU A 157 -13.16 -2.75 -24.04
CA GLU A 157 -13.66 -3.30 -22.79
C GLU A 157 -12.86 -4.55 -22.44
N ARG A 158 -12.58 -4.73 -21.15
CA ARG A 158 -11.85 -5.91 -20.67
C ARG A 158 -12.39 -6.38 -19.34
N ALA A 159 -12.82 -7.65 -19.28
CA ALA A 159 -13.11 -8.31 -18.03
C ALA A 159 -11.93 -9.22 -17.70
N VAL A 160 -11.70 -9.45 -16.41
CA VAL A 160 -10.57 -10.26 -15.96
C VAL A 160 -11.02 -11.37 -15.01
N LEU A 161 -10.42 -12.55 -15.15
CA LEU A 161 -10.64 -13.67 -14.23
C LEU A 161 -9.32 -14.31 -13.82
N TYR A 162 -9.09 -14.40 -12.51
CA TYR A 162 -7.95 -15.13 -11.97
C TYR A 162 -8.42 -16.48 -11.44
N VAL A 163 -7.94 -17.55 -12.06
CA VAL A 163 -8.23 -18.90 -11.63
C VAL A 163 -7.05 -19.42 -10.79
N PRO A 164 -7.31 -19.91 -9.57
CA PRO A 164 -6.24 -20.45 -8.75
C PRO A 164 -5.48 -21.58 -9.44
N SER A 165 -4.16 -21.44 -9.53
CA SER A 165 -3.31 -22.41 -10.20
C SER A 165 -2.57 -23.22 -9.13
N LEU A 166 -1.46 -22.69 -8.66
CA LEU A 166 -0.59 -23.35 -7.72
C LEU A 166 -0.06 -22.24 -6.86
N GLY A 167 1.21 -22.37 -6.49
CA GLY A 167 1.77 -21.44 -5.52
C GLY A 167 3.21 -21.13 -5.80
N TYR A 168 3.75 -20.18 -5.05
CA TYR A 168 5.08 -19.64 -5.29
C TYR A 168 5.71 -19.14 -4.00
N VAL A 169 6.97 -19.49 -3.78
CA VAL A 169 7.71 -19.07 -2.59
C VAL A 169 8.81 -18.07 -2.93
N LYS A 170 8.89 -17.03 -2.12
CA LYS A 170 10.03 -16.11 -2.13
C LYS A 170 10.82 -16.45 -0.87
N SER A 171 12.15 -16.40 -0.96
CA SER A 171 12.99 -16.60 0.20
C SER A 171 14.08 -15.55 0.27
N ILE A 172 14.56 -15.30 1.48
CA ILE A 172 15.67 -14.38 1.69
C ILE A 172 16.44 -14.78 2.94
N GLU A 173 17.75 -14.53 2.92
CA GLU A 173 18.59 -14.73 4.10
C GLU A 173 18.58 -13.45 4.90
N PHE A 174 18.60 -13.56 6.23
CA PHE A 174 18.46 -12.37 7.07
C PHE A 174 19.13 -12.49 8.43
N ASN A 175 19.33 -11.34 9.05
CA ASN A 175 19.64 -11.24 10.47
C ASN A 175 18.80 -10.12 11.08
N SER A 176 18.83 -10.01 12.41
CA SER A 176 17.97 -9.08 13.14
C SER A 176 18.27 -7.61 12.88
N GLU A 177 19.48 -7.33 12.40
CA GLU A 177 19.95 -5.96 12.18
C GLU A 177 19.67 -5.48 10.76
N GLU A 178 19.26 -6.40 9.88
CA GLU A 178 19.20 -6.13 8.44
C GLU A 178 17.84 -5.56 8.03
N GLN A 179 17.86 -4.52 7.20
CA GLN A 179 16.65 -3.97 6.59
C GLN A 179 16.38 -4.71 5.27
N ILE A 180 15.11 -4.97 4.99
CA ILE A 180 14.71 -5.70 3.78
C ILE A 180 13.87 -4.79 2.92
N ASP A 181 14.07 -4.86 1.60
CA ASP A 181 13.32 -4.03 0.65
C ASP A 181 11.83 -4.33 0.74
N LYS A 182 11.02 -3.28 0.70
CA LYS A 182 9.56 -3.42 0.72
C LYS A 182 9.06 -4.36 -0.36
N ASN A 183 9.67 -4.29 -1.55
CA ASN A 183 9.21 -5.08 -2.70
C ASN A 183 9.37 -6.60 -2.54
N PHE A 184 10.21 -7.04 -1.60
CA PHE A 184 10.29 -8.45 -1.25
C PHE A 184 8.99 -8.97 -0.62
N TYR A 185 8.46 -8.23 0.34
CA TYR A 185 7.29 -8.65 1.09
C TYR A 185 5.96 -8.36 0.39
N PHE A 186 5.96 -7.38 -0.52
CA PHE A 186 4.72 -6.74 -0.92
C PHE A 186 4.68 -6.42 -2.41
N THR A 187 3.62 -6.89 -3.07
CA THR A 187 3.33 -6.61 -4.46
C THR A 187 2.15 -5.66 -4.50
N SER A 188 2.33 -4.49 -5.09
CA SER A 188 1.24 -3.52 -5.12
C SER A 188 0.41 -3.65 -6.40
N GLN A 189 0.95 -4.30 -7.42
CA GLN A 189 0.27 -4.46 -8.69
C GLN A 189 0.38 -5.89 -9.20
N ASP A 190 -0.72 -6.44 -9.68
CA ASP A 190 -0.74 -7.82 -10.19
C ASP A 190 0.35 -7.98 -11.23
N LYS A 191 1.11 -9.07 -11.13
CA LYS A 191 2.12 -9.38 -12.14
C LYS A 191 2.26 -10.88 -12.33
N CYS A 192 3.00 -11.25 -13.37
CA CYS A 192 3.26 -12.65 -13.68
C CYS A 192 4.71 -12.97 -13.41
N ILE A 193 4.94 -14.03 -12.64
CA ILE A 193 6.28 -14.47 -12.30
C ILE A 193 6.91 -15.28 -13.44
N LEU A 194 6.09 -15.66 -14.42
CA LEU A 194 6.56 -16.27 -15.67
C LEU A 194 6.40 -15.26 -16.80
N ASN A 195 6.64 -15.69 -18.03
CA ASN A 195 6.32 -14.87 -19.19
C ASN A 195 4.81 -14.78 -19.38
N GLU A 196 4.31 -13.57 -19.62
CA GLU A 196 2.90 -13.38 -19.92
C GLU A 196 2.60 -13.95 -21.29
N LYS A 197 1.36 -14.40 -21.47
CA LYS A 197 0.93 -14.99 -22.73
C LYS A 197 -0.28 -14.25 -23.29
N PHE A 198 -0.56 -14.49 -24.56
CA PHE A 198 -1.73 -13.90 -25.22
C PHE A 198 -2.28 -14.91 -26.22
N ILE A 199 -2.99 -15.89 -25.70
CA ILE A 199 -3.57 -16.97 -26.51
C ILE A 199 -5.07 -16.74 -26.62
N TYR A 200 -5.55 -16.45 -27.83
CA TYR A 200 -6.92 -15.96 -28.03
C TYR A 200 -7.83 -16.89 -28.81
N LYS A 201 -9.13 -16.75 -28.56
CA LYS A 201 -10.17 -17.41 -29.33
C LYS A 201 -11.32 -16.42 -29.56
N LYS A 202 -11.67 -16.20 -30.82
CA LYS A 202 -12.84 -15.37 -31.18
C LYS A 202 -14.10 -16.07 -30.71
N ILE A 203 -14.94 -15.37 -29.96
CA ILE A 203 -16.18 -15.96 -29.45
C ILE A 203 -17.38 -15.43 -30.23
N ASP A 204 -18.24 -16.35 -30.67
CA ASP A 204 -19.21 -16.13 -31.75
C ASP A 204 -18.45 -15.68 -33.01
N ASP A 205 -17.50 -16.53 -33.42
CA ASP A 205 -16.55 -16.26 -34.51
C ASP A 205 -17.06 -15.25 -35.56
N GLN B 1 8.51 5.20 19.24
CA GLN B 1 8.09 6.61 19.05
C GLN B 1 8.58 7.16 17.70
N THR B 2 8.21 6.47 16.63
CA THR B 2 8.42 6.98 15.27
C THR B 2 7.32 7.98 14.93
N ILE B 3 7.58 8.83 13.95
CA ILE B 3 6.56 9.72 13.43
C ILE B 3 5.91 9.08 12.21
N LEU B 4 4.57 9.09 12.18
CA LEU B 4 3.83 8.56 11.05
C LEU B 4 3.31 9.69 10.17
N PRO B 5 3.97 9.93 9.02
CA PRO B 5 3.63 11.07 8.17
C PRO B 5 2.41 10.78 7.31
N TYR B 6 1.25 10.68 7.96
CA TYR B 6 0.02 10.30 7.27
C TYR B 6 -1.16 11.10 7.81
N PRO B 7 -2.21 11.27 6.99
CA PRO B 7 -3.40 11.96 7.47
C PRO B 7 -4.20 11.10 8.44
N ASN B 8 -5.26 11.68 8.99
CA ASN B 8 -6.14 10.94 9.88
C ASN B 8 -6.76 9.75 9.17
N GLY B 9 -7.02 8.67 9.90
CA GLY B 9 -7.72 7.53 9.36
C GLY B 9 -7.31 6.20 9.95
N LEU B 10 -7.76 5.13 9.32
CA LEU B 10 -7.45 3.78 9.76
C LEU B 10 -6.26 3.26 8.96
N TYR B 11 -5.34 2.59 9.65
CA TYR B 11 -4.19 1.99 8.99
C TYR B 11 -3.94 0.59 9.55
N VAL B 12 -3.60 -0.33 8.65
CA VAL B 12 -3.20 -1.68 9.04
C VAL B 12 -1.71 -1.82 8.74
N ILE B 13 -0.94 -2.17 9.75
CA ILE B 13 0.51 -2.27 9.63
C ILE B 13 0.97 -3.72 9.84
N ASN B 14 1.57 -4.30 8.81
CA ASN B 14 2.22 -5.60 8.93
C ASN B 14 3.58 -5.34 9.57
N LYS B 15 3.73 -5.83 10.81
CA LYS B 15 4.96 -5.59 11.57
C LYS B 15 5.89 -6.80 11.56
N GLY B 16 5.59 -7.76 10.69
CA GLY B 16 6.53 -8.81 10.35
C GLY B 16 6.10 -10.19 10.78
N ASP B 17 6.88 -11.17 10.34
CA ASP B 17 6.64 -12.57 10.65
C ASP B 17 7.58 -13.04 11.75
N GLY B 18 7.35 -14.25 12.25
CA GLY B 18 8.23 -14.88 13.23
C GLY B 18 7.99 -14.45 14.67
N TYR B 19 6.84 -13.84 14.94
CA TYR B 19 6.49 -13.46 16.30
C TYR B 19 6.11 -14.69 17.11
N MET B 20 6.53 -14.73 18.36
CA MET B 20 6.12 -15.79 19.27
C MET B 20 6.15 -15.29 20.71
N ARG B 21 5.43 -15.99 21.59
CA ARG B 21 5.35 -15.61 22.98
C ARG B 21 6.57 -16.09 23.76
N THR B 22 6.80 -15.46 24.91
CA THR B 22 7.93 -15.78 25.75
C THR B 22 7.71 -17.08 26.53
N ASN B 23 8.78 -17.55 27.18
CA ASN B 23 8.72 -18.76 28.01
C ASN B 23 8.25 -20.02 27.29
N ASP B 24 8.72 -20.20 26.05
CA ASP B 24 8.42 -21.37 25.23
C ASP B 24 6.92 -21.68 25.12
N LYS B 25 6.11 -20.62 25.17
CA LYS B 25 4.66 -20.78 25.16
C LYS B 25 4.15 -21.21 23.77
N ASP B 26 4.98 -21.04 22.73
CA ASP B 26 4.68 -21.52 21.39
C ASP B 26 5.64 -22.64 20.93
N LEU B 27 6.35 -23.25 21.88
CA LEU B 27 7.24 -24.36 21.57
C LEU B 27 6.43 -25.62 21.27
N ILE B 28 6.58 -26.14 20.05
CA ILE B 28 5.99 -27.43 19.68
C ILE B 28 6.78 -28.57 20.31
N GLY B 29 8.10 -28.51 20.20
CA GLY B 29 8.97 -29.54 20.80
C GLY B 29 10.39 -29.53 20.26
N THR B 30 11.23 -30.38 20.85
CA THR B 30 12.63 -30.50 20.48
C THR B 30 12.96 -31.96 20.12
N LEU B 31 13.67 -32.15 19.00
CA LEU B 31 14.21 -33.45 18.65
C LEU B 31 15.70 -33.48 18.93
N LEU B 32 16.17 -34.56 19.56
CA LEU B 32 17.59 -34.83 19.64
C LEU B 32 17.91 -35.78 18.50
N ILE B 33 18.74 -35.32 17.57
CA ILE B 33 19.08 -36.08 16.38
C ILE B 33 20.53 -36.54 16.47
N GLU B 34 20.71 -37.85 16.60
CA GLU B 34 22.04 -38.44 16.73
C GLU B 34 22.82 -38.27 15.43
N SER B 35 24.14 -38.25 15.52
CA SER B 35 25.00 -38.12 14.35
C SER B 35 24.66 -39.19 13.31
N SER B 36 24.69 -38.81 12.03
CA SER B 36 24.32 -39.69 10.92
C SER B 36 22.81 -40.03 10.85
N THR B 37 21.99 -39.24 11.54
CA THR B 37 20.55 -39.47 11.57
C THR B 37 19.86 -38.21 11.05
N SER B 38 18.63 -38.37 10.59
CA SER B 38 17.80 -37.23 10.23
C SER B 38 16.58 -37.21 11.11
N GLY B 39 16.10 -36.01 11.40
CA GLY B 39 14.90 -35.83 12.20
C GLY B 39 13.98 -34.85 11.50
N SER B 40 12.69 -35.00 11.74
CA SER B 40 11.70 -34.19 11.07
C SER B 40 10.55 -33.84 12.00
N ILE B 41 10.05 -32.60 11.88
CA ILE B 41 8.86 -32.15 12.59
C ILE B 41 7.89 -31.59 11.55
N ILE B 42 6.67 -32.10 11.55
CA ILE B 42 5.68 -31.76 10.53
C ILE B 42 4.43 -31.13 11.16
N GLN B 43 3.92 -30.10 10.51
CA GLN B 43 2.55 -29.61 10.74
C GLN B 43 1.76 -30.01 9.49
N PRO B 44 1.11 -31.18 9.53
CA PRO B 44 0.50 -31.77 8.35
C PRO B 44 -0.91 -31.29 8.02
N ARG B 45 -1.49 -30.46 8.89
CA ARG B 45 -2.87 -29.98 8.73
C ARG B 45 -3.92 -31.09 8.69
N LEU B 46 -3.74 -32.11 9.52
CA LEU B 46 -4.77 -33.14 9.69
C LEU B 46 -6.04 -32.52 10.28
N ARG B 47 -5.84 -31.49 11.11
CA ARG B 47 -6.88 -30.54 11.47
C ARG B 47 -6.49 -29.21 10.87
N ASN B 48 -7.49 -28.43 10.46
CA ASN B 48 -7.26 -27.13 9.86
C ASN B 48 -7.22 -25.99 10.88
N THR B 49 -7.59 -26.28 12.12
CA THR B 49 -7.76 -25.24 13.13
C THR B 49 -6.44 -24.56 13.53
N THR B 50 -6.44 -23.24 13.51
CA THR B 50 -5.32 -22.45 14.03
C THR B 50 -5.85 -21.49 15.10
N ARG B 51 -4.96 -21.01 15.96
CA ARG B 51 -5.34 -20.19 17.12
C ARG B 51 -4.72 -18.80 17.06
N PRO B 52 -5.38 -17.85 16.36
CA PRO B 52 -4.89 -16.48 16.36
C PRO B 52 -4.93 -15.82 17.74
N LEU B 53 -4.03 -14.88 17.99
CA LEU B 53 -4.01 -14.13 19.25
C LEU B 53 -4.39 -12.68 18.96
N PHE B 54 -5.06 -12.04 19.91
CA PHE B 54 -5.65 -10.73 19.67
C PHE B 54 -5.63 -9.82 20.90
N ASN B 55 -5.25 -8.56 20.70
CA ASN B 55 -5.31 -7.51 21.71
C ASN B 55 -6.02 -6.28 21.15
N THR B 56 -6.67 -5.52 22.02
CA THR B 56 -7.28 -4.27 21.61
C THR B 56 -7.36 -3.27 22.77
N SER B 57 -7.22 -2.00 22.43
CA SER B 57 -7.39 -0.91 23.39
C SER B 57 -8.86 -0.50 23.50
N ASN B 58 -9.69 -0.98 22.57
CA ASN B 58 -11.11 -0.64 22.52
C ASN B 58 -11.93 -1.84 22.04
N PRO B 59 -12.31 -2.72 22.97
CA PRO B 59 -13.01 -3.97 22.62
C PRO B 59 -14.36 -3.79 21.92
N THR B 60 -15.02 -2.66 22.17
CA THR B 60 -16.35 -2.40 21.63
C THR B 60 -16.33 -2.10 20.13
N ILE B 61 -15.37 -1.28 19.72
CA ILE B 61 -15.27 -0.84 18.32
C ILE B 61 -14.23 -1.66 17.58
N PHE B 62 -12.98 -1.64 18.06
CA PHE B 62 -11.92 -2.49 17.54
C PHE B 62 -12.03 -3.90 18.13
N SER B 63 -13.08 -4.61 17.74
CA SER B 63 -13.29 -5.99 18.15
C SER B 63 -12.48 -6.90 17.25
N GLN B 64 -12.36 -8.18 17.62
CA GLN B 64 -11.64 -9.13 16.80
C GLN B 64 -12.26 -9.19 15.39
N GLU B 65 -13.58 -9.23 15.33
CA GLU B 65 -14.29 -9.30 14.05
C GLU B 65 -14.04 -8.06 13.21
N TYR B 66 -14.06 -6.89 13.86
CA TYR B 66 -13.83 -5.62 13.17
C TYR B 66 -12.41 -5.55 12.62
N THR B 67 -11.44 -5.85 13.49
CA THR B 67 -10.04 -5.90 13.10
C THR B 67 -9.81 -6.84 11.90
N GLU B 68 -10.48 -7.99 11.91
CA GLU B 68 -10.40 -8.94 10.82
C GLU B 68 -10.92 -8.36 9.50
N ALA B 69 -12.05 -7.66 9.55
CA ALA B 69 -12.60 -6.99 8.38
C ALA B 69 -11.61 -5.99 7.75
N ARG B 70 -10.86 -5.27 8.60
CA ARG B 70 -9.83 -4.34 8.12
C ARG B 70 -8.61 -5.06 7.56
N LEU B 71 -8.21 -6.16 8.19
CA LEU B 71 -7.12 -6.98 7.65
C LEU B 71 -7.46 -7.46 6.25
N ASN B 72 -8.73 -7.77 6.03
CA ASN B 72 -9.21 -8.17 4.70
C ASN B 72 -9.23 -6.98 3.72
N ASP B 73 -9.65 -5.82 4.18
CA ASP B 73 -9.61 -4.61 3.34
C ASP B 73 -8.19 -4.33 2.90
N ALA B 74 -7.23 -4.49 3.80
CA ALA B 74 -5.85 -4.08 3.57
C ALA B 74 -5.09 -5.11 2.75
N PHE B 75 -5.09 -6.36 3.22
CA PHE B 75 -4.26 -7.41 2.62
C PHE B 75 -5.04 -8.53 1.95
N ASN B 76 -6.37 -8.50 2.04
CA ASN B 76 -7.23 -9.53 1.45
C ASN B 76 -7.07 -10.90 2.13
N ILE B 77 -6.72 -10.88 3.41
CA ILE B 77 -6.62 -12.10 4.20
C ILE B 77 -8.01 -12.71 4.32
N GLN B 78 -8.14 -13.96 3.86
CA GLN B 78 -9.41 -14.67 3.85
C GLN B 78 -9.60 -15.43 5.16
N LEU B 79 -8.60 -16.25 5.50
CA LEU B 79 -8.71 -17.21 6.58
C LEU B 79 -7.91 -16.75 7.80
N PHE B 80 -8.58 -16.69 8.94
CA PHE B 80 -8.00 -16.18 10.16
C PHE B 80 -7.74 -17.27 11.19
N ASN B 81 -8.67 -18.22 11.32
CA ASN B 81 -8.52 -19.31 12.29
C ASN B 81 -8.51 -20.72 11.67
N THR B 82 -8.19 -20.79 10.37
CA THR B 82 -7.96 -22.07 9.69
C THR B 82 -6.77 -21.95 8.74
N SER B 83 -6.28 -23.09 8.25
CA SER B 83 -5.20 -23.16 7.29
C SER B 83 -5.12 -24.54 6.63
N THR B 84 -4.80 -24.57 5.33
CA THR B 84 -4.45 -25.83 4.65
C THR B 84 -2.98 -25.83 4.23
N THR B 85 -2.21 -24.89 4.78
CA THR B 85 -0.82 -24.72 4.40
C THR B 85 0.04 -25.49 5.38
N LEU B 86 0.65 -26.57 4.92
CA LEU B 86 1.53 -27.35 5.78
C LEU B 86 2.92 -26.75 5.85
N PHE B 87 3.61 -26.99 6.97
CA PHE B 87 5.03 -26.68 7.06
C PHE B 87 5.80 -27.83 7.72
N LYS B 88 7.08 -27.91 7.39
CA LYS B 88 7.89 -29.05 7.75
C LYS B 88 9.37 -28.68 7.77
N PHE B 89 10.10 -29.22 8.74
CA PHE B 89 11.54 -28.99 8.86
C PHE B 89 12.26 -30.33 8.89
N VAL B 90 13.33 -30.43 8.11
CA VAL B 90 14.14 -31.65 8.04
C VAL B 90 15.60 -31.31 8.30
N GLU B 91 16.22 -32.04 9.22
CA GLU B 91 17.58 -31.78 9.65
C GLU B 91 18.37 -33.07 9.74
N GLU B 92 19.46 -33.15 8.98
CA GLU B 92 20.39 -34.27 9.08
C GLU B 92 21.61 -33.87 9.91
N ALA B 93 21.88 -34.63 10.98
CA ALA B 93 23.03 -34.38 11.82
C ALA B 93 24.31 -34.87 11.14
N PRO B 94 25.40 -34.08 11.22
CA PRO B 94 26.71 -34.52 10.71
C PRO B 94 27.21 -35.78 11.40
N THR B 95 28.29 -36.37 10.88
CA THR B 95 28.83 -37.61 11.45
C THR B 95 29.57 -37.39 12.78
N ASN B 96 30.01 -36.16 13.03
CA ASN B 96 30.80 -35.84 14.23
C ASN B 96 29.95 -35.43 15.44
N LYS B 97 28.94 -34.59 15.23
CA LYS B 97 28.14 -34.05 16.34
C LYS B 97 26.65 -34.40 16.29
N ASN B 98 26.02 -34.40 17.46
CA ASN B 98 24.55 -34.52 17.58
C ASN B 98 23.91 -33.16 17.50
N ILE B 99 22.65 -33.12 17.07
CA ILE B 99 21.92 -31.87 16.87
C ILE B 99 20.64 -31.78 17.67
N SER B 100 20.40 -30.59 18.22
CA SER B 100 19.11 -30.23 18.80
C SER B 100 18.28 -29.50 17.75
N MET B 101 17.09 -30.01 17.46
CA MET B 101 16.14 -29.37 16.54
C MET B 101 14.92 -28.91 17.33
N LYS B 102 14.77 -27.59 17.45
CA LYS B 102 13.73 -26.99 18.26
C LYS B 102 12.79 -26.26 17.31
N VAL B 103 11.50 -26.59 17.37
CA VAL B 103 10.52 -25.97 16.48
C VAL B 103 9.41 -25.29 17.27
N TYR B 104 9.02 -24.11 16.80
CA TYR B 104 7.99 -23.31 17.44
C TYR B 104 6.91 -22.95 16.43
N ASN B 105 5.68 -22.75 16.90
CA ASN B 105 4.70 -21.99 16.14
C ASN B 105 5.11 -20.51 16.13
N THR B 106 4.66 -19.79 15.10
CA THR B 106 4.92 -18.36 14.98
C THR B 106 3.65 -17.65 14.53
N TYR B 107 3.69 -16.32 14.56
CA TYR B 107 2.58 -15.50 14.10
C TYR B 107 3.09 -14.32 13.28
N GLU B 108 2.24 -13.83 12.39
CA GLU B 108 2.51 -12.58 11.70
C GLU B 108 1.73 -11.50 12.42
N LYS B 109 2.42 -10.41 12.79
CA LYS B 109 1.80 -9.37 13.62
C LYS B 109 1.25 -8.24 12.76
N TYR B 110 -0.05 -8.03 12.85
CA TYR B 110 -0.72 -6.92 12.16
C TYR B 110 -1.23 -5.94 13.19
N GLU B 111 -1.11 -4.66 12.90
CA GLU B 111 -1.53 -3.62 13.83
C GLU B 111 -2.53 -2.70 13.17
N LEU B 112 -3.75 -2.65 13.73
CA LEU B 112 -4.78 -1.74 13.27
C LEU B 112 -4.78 -0.51 14.17
N ILE B 113 -4.58 0.67 13.58
CA ILE B 113 -4.57 1.91 14.36
C ILE B 113 -5.65 2.87 13.87
N ASN B 114 -6.26 3.59 14.81
CA ASN B 114 -7.02 4.80 14.49
C ASN B 114 -6.11 5.98 14.75
N TYR B 115 -5.67 6.63 13.67
CA TYR B 115 -4.68 7.69 13.71
C TYR B 115 -5.36 9.06 13.58
N GLN B 116 -5.22 9.88 14.61
CA GLN B 116 -5.88 11.20 14.66
C GLN B 116 -4.92 12.28 15.15
N ASN B 117 -4.75 13.33 14.35
CA ASN B 117 -3.87 14.45 14.68
C ASN B 117 -2.46 14.03 15.14
N GLY B 118 -1.83 13.14 14.38
CA GLY B 118 -0.50 12.67 14.72
C GLY B 118 -0.44 11.76 15.94
N ASN B 119 -1.59 11.27 16.39
CA ASN B 119 -1.68 10.37 17.54
C ASN B 119 -2.49 9.11 17.24
N ILE B 120 -2.09 8.01 17.87
CA ILE B 120 -2.82 6.76 17.81
C ILE B 120 -3.85 6.77 18.94
N ASP B 121 -5.13 6.94 18.59
CA ASP B 121 -6.21 6.96 19.56
C ASP B 121 -6.62 5.55 20.01
N ASP B 122 -6.73 4.63 19.05
CA ASP B 122 -7.03 3.23 19.34
C ASP B 122 -6.08 2.30 18.60
N LYS B 123 -5.76 1.17 19.24
CA LYS B 123 -4.80 0.22 18.70
C LYS B 123 -5.26 -1.21 18.94
N ALA B 124 -5.30 -2.00 17.87
CA ALA B 124 -5.54 -3.42 17.96
C ALA B 124 -4.36 -4.17 17.35
N GLU B 125 -3.95 -5.27 18.00
CA GLU B 125 -2.86 -6.11 17.50
C GLU B 125 -3.41 -7.49 17.21
N TYR B 126 -3.28 -7.92 15.96
CA TYR B 126 -3.80 -9.21 15.53
C TYR B 126 -2.65 -10.11 15.10
N TYR B 127 -2.56 -11.28 15.71
CA TYR B 127 -1.47 -12.21 15.45
C TYR B 127 -1.96 -13.39 14.61
N LEU B 128 -1.68 -13.32 13.31
CA LEU B 128 -2.09 -14.33 12.34
C LEU B 128 -1.15 -15.53 12.46
N PRO B 129 -1.70 -16.72 12.74
CA PRO B 129 -0.85 -17.91 12.83
C PRO B 129 -0.08 -18.15 11.53
N SER B 130 1.20 -18.47 11.66
CA SER B 130 2.13 -18.49 10.54
C SER B 130 2.81 -19.85 10.41
N LEU B 131 3.86 -19.95 9.58
CA LEU B 131 4.40 -21.24 9.21
C LEU B 131 5.67 -21.65 9.95
N GLY B 132 5.82 -21.19 11.19
CA GLY B 132 6.78 -21.77 12.13
C GLY B 132 8.21 -21.28 12.07
N LYS B 133 8.99 -21.71 13.06
CA LYS B 133 10.40 -21.40 13.17
C LYS B 133 11.16 -22.64 13.64
N CYS B 134 12.35 -22.85 13.11
CA CYS B 134 13.19 -23.97 13.51
C CYS B 134 14.58 -23.47 13.89
N GLU B 135 15.02 -23.83 15.10
CA GLU B 135 16.38 -23.56 15.59
C GLU B 135 17.14 -24.87 15.63
N VAL B 136 18.18 -24.99 14.81
CA VAL B 136 19.11 -26.12 14.95
C VAL B 136 20.41 -25.64 15.57
N SER B 137 20.94 -26.46 16.46
CA SER B 137 22.20 -26.15 17.13
C SER B 137 22.85 -27.43 17.60
N ASP B 138 24.09 -27.32 18.08
CA ASP B 138 24.79 -28.46 18.65
C ASP B 138 24.01 -28.97 19.86
N ALA B 139 23.84 -30.29 19.95
CA ALA B 139 23.12 -30.89 21.05
C ALA B 139 23.79 -30.55 22.37
N PRO B 140 23.01 -30.11 23.37
CA PRO B 140 23.58 -29.75 24.66
C PRO B 140 24.07 -30.98 25.42
N SER B 141 25.00 -30.80 26.34
CA SER B 141 25.43 -31.87 27.22
C SER B 141 24.30 -32.14 28.23
N PRO B 142 23.87 -33.40 28.37
CA PRO B 142 22.88 -33.68 29.41
C PRO B 142 23.43 -33.47 30.84
N GLN B 143 24.75 -33.41 30.97
CA GLN B 143 25.40 -33.08 32.24
C GLN B 143 25.66 -31.57 32.40
N ALA B 144 25.13 -30.75 31.50
CA ALA B 144 25.34 -29.30 31.56
C ALA B 144 24.80 -28.74 32.88
N PRO B 145 25.55 -27.83 33.52
CA PRO B 145 25.08 -27.28 34.80
C PRO B 145 23.70 -26.63 34.69
N VAL B 146 22.79 -27.04 35.59
CA VAL B 146 21.45 -26.48 35.65
C VAL B 146 21.47 -25.12 36.33
N VAL B 147 21.26 -24.06 35.56
CA VAL B 147 21.21 -22.69 36.10
C VAL B 147 19.77 -22.31 36.44
N GLU B 148 19.55 -21.85 37.67
CA GLU B 148 18.23 -21.41 38.10
C GLU B 148 17.96 -20.01 37.55
N THR B 149 17.05 -19.92 36.59
CA THR B 149 16.71 -18.66 35.94
C THR B 149 15.23 -18.37 36.14
N PRO B 150 14.87 -17.10 36.40
CA PRO B 150 13.47 -16.76 36.54
C PRO B 150 12.77 -16.71 35.18
N VAL B 151 11.47 -16.97 35.17
CA VAL B 151 10.66 -16.82 33.98
C VAL B 151 10.69 -15.34 33.60
N ASP B 152 10.96 -15.02 32.35
CA ASP B 152 11.05 -13.62 31.97
C ASP B 152 9.67 -13.03 31.66
N GLN B 153 9.65 -11.71 31.53
CA GLN B 153 8.44 -10.93 31.25
C GLN B 153 7.52 -11.61 30.22
N ASP B 154 6.22 -11.47 30.45
CA ASP B 154 5.20 -12.14 29.66
C ASP B 154 4.82 -11.27 28.46
N GLY B 155 5.16 -11.72 27.25
CA GLY B 155 4.86 -10.95 26.04
C GLY B 155 5.30 -11.65 24.76
N PHE B 156 5.70 -10.85 23.76
CA PHE B 156 6.12 -11.36 22.45
C PHE B 156 7.54 -10.94 22.11
N ILE B 157 8.23 -11.76 21.33
CA ILE B 157 9.48 -11.34 20.68
C ILE B 157 9.37 -11.67 19.19
N GLN B 158 10.11 -10.95 18.35
CA GLN B 158 10.12 -11.22 16.91
C GLN B 158 11.40 -11.94 16.49
N THR B 159 11.24 -13.05 15.77
CA THR B 159 12.37 -13.86 15.31
C THR B 159 12.53 -13.84 13.79
N GLY B 160 11.57 -13.22 13.09
CA GLY B 160 11.64 -13.09 11.63
C GLY B 160 12.34 -11.81 11.21
N PRO B 161 12.49 -11.61 9.89
CA PRO B 161 13.17 -10.44 9.38
C PRO B 161 12.40 -9.14 9.65
N ASN B 162 13.13 -8.03 9.78
CA ASN B 162 12.54 -6.71 10.02
C ASN B 162 11.54 -6.35 8.93
N GLU B 163 10.35 -5.92 9.35
CA GLU B 163 9.30 -5.57 8.41
C GLU B 163 8.34 -4.56 9.02
N ASN B 164 7.99 -3.55 8.23
CA ASN B 164 7.01 -2.56 8.65
C ASN B 164 6.30 -1.96 7.43
N ILE B 165 5.19 -2.59 7.04
CA ILE B 165 4.47 -2.21 5.83
C ILE B 165 3.09 -1.65 6.17
N ILE B 166 2.89 -0.39 5.84
CA ILE B 166 1.68 0.36 6.19
C ILE B 166 0.71 0.38 5.02
N VAL B 167 -0.53 -0.03 5.28
CA VAL B 167 -1.57 0.04 4.28
C VAL B 167 -2.79 0.72 4.90
N GLY B 168 -3.15 1.87 4.35
CA GLY B 168 -4.35 2.57 4.77
C GLY B 168 -5.57 1.88 4.20
N VAL B 169 -6.68 1.95 4.93
CA VAL B 169 -7.93 1.40 4.43
C VAL B 169 -9.02 2.44 4.48
N ILE B 170 -9.92 2.41 3.51
CA ILE B 170 -11.13 3.22 3.54
C ILE B 170 -11.81 3.09 4.90
N ASN B 171 -12.09 4.21 5.55
CA ASN B 171 -12.86 4.19 6.77
C ASN B 171 -14.29 3.74 6.42
N PRO B 172 -14.69 2.55 6.90
CA PRO B 172 -15.97 1.99 6.47
C PRO B 172 -17.19 2.68 7.08
N SER B 173 -16.98 3.55 8.06
CA SER B 173 -18.05 4.40 8.58
C SER B 173 -18.19 5.72 7.79
N GLU B 174 -17.35 5.90 6.76
CA GLU B 174 -17.50 7.01 5.82
C GLU B 174 -17.92 6.49 4.45
N ASN B 175 -18.93 7.13 3.85
CA ASN B 175 -19.50 6.69 2.58
C ASN B 175 -18.65 7.05 1.38
N ILE B 176 -18.89 6.34 0.28
CA ILE B 176 -18.10 6.47 -0.94
C ILE B 176 -18.99 6.91 -2.10
N GLU B 177 -18.72 8.10 -2.64
CA GLU B 177 -19.38 8.55 -3.86
C GLU B 177 -18.54 8.05 -5.04
N GLU B 178 -19.15 8.00 -6.22
CA GLU B 178 -18.44 7.56 -7.42
C GLU B 178 -18.79 8.43 -8.61
N ILE B 179 -17.75 8.92 -9.30
CA ILE B 179 -17.91 9.53 -10.61
C ILE B 179 -17.68 8.41 -11.62
N SER B 180 -18.77 7.91 -12.21
CA SER B 180 -18.71 6.75 -13.09
C SER B 180 -17.95 7.06 -14.38
N THR B 181 -18.22 8.21 -14.96
CA THR B 181 -17.56 8.61 -16.21
C THR B 181 -16.15 9.09 -15.89
N PRO B 182 -15.13 8.57 -16.61
CA PRO B 182 -13.77 9.05 -16.42
C PRO B 182 -13.68 10.53 -16.77
N ILE B 183 -13.08 11.32 -15.88
CA ILE B 183 -13.20 12.78 -15.99
C ILE B 183 -12.35 13.34 -17.13
N PRO B 184 -12.88 14.35 -17.84
CA PRO B 184 -12.14 15.07 -18.88
C PRO B 184 -11.18 16.10 -18.28
N ASP B 185 -10.61 16.96 -19.12
CA ASP B 185 -9.65 17.98 -18.68
C ASP B 185 -10.21 18.92 -17.62
N ASP B 186 -11.48 19.27 -17.75
CA ASP B 186 -12.15 20.17 -16.81
C ASP B 186 -13.44 19.56 -16.32
N TYR B 187 -13.53 19.36 -15.00
CA TYR B 187 -14.72 18.77 -14.40
C TYR B 187 -15.05 19.44 -13.08
N THR B 188 -16.34 19.64 -12.85
CA THR B 188 -16.83 20.16 -11.58
C THR B 188 -17.84 19.18 -10.99
N TYR B 189 -17.58 18.76 -9.76
CA TYR B 189 -18.41 17.78 -9.07
C TYR B 189 -19.15 18.46 -7.94
N ASN B 190 -20.47 18.34 -7.95
CA ASN B 190 -21.30 18.87 -6.88
C ASN B 190 -21.36 17.88 -5.71
N ILE B 191 -20.91 18.33 -4.55
CA ILE B 191 -20.83 17.48 -3.37
C ILE B 191 -22.21 17.34 -2.73
N PRO B 192 -22.70 16.10 -2.57
CA PRO B 192 -24.05 15.91 -2.01
C PRO B 192 -24.20 16.38 -0.57
N THR B 193 -25.45 16.51 -0.14
CA THR B 193 -25.80 17.00 1.19
C THR B 193 -25.27 16.11 2.33
N SER B 194 -25.07 14.82 2.06
CA SER B 194 -24.59 13.90 3.09
C SER B 194 -23.28 14.37 3.72
N ILE B 195 -22.53 15.21 3.01
CA ILE B 195 -21.27 15.75 3.51
C ILE B 195 -21.46 16.57 4.79
N GLN B 196 -22.67 17.08 5.02
CA GLN B 196 -23.00 17.80 6.24
C GLN B 196 -22.93 16.95 7.50
N ASN B 197 -23.07 15.62 7.36
CA ASN B 197 -23.19 14.71 8.50
C ASN B 197 -21.94 13.88 8.80
N ASN B 198 -21.10 13.68 7.78
CA ASN B 198 -19.80 13.05 7.97
C ASN B 198 -18.95 13.18 6.71
N ALA B 199 -17.64 12.95 6.86
CA ALA B 199 -16.73 12.97 5.72
C ALA B 199 -17.13 11.87 4.75
N CYS B 200 -16.75 12.03 3.50
CA CYS B 200 -16.96 10.99 2.50
C CYS B 200 -15.76 10.87 1.59
N TYR B 201 -15.71 9.79 0.82
CA TYR B 201 -14.72 9.60 -0.23
C TYR B 201 -15.42 9.71 -1.57
N VAL B 202 -14.69 10.13 -2.59
CA VAL B 202 -15.21 10.16 -3.95
C VAL B 202 -14.26 9.43 -4.86
N LEU B 203 -14.74 8.32 -5.44
CA LEU B 203 -13.97 7.47 -6.32
C LEU B 203 -14.07 7.96 -7.76
N PHE B 204 -12.94 8.09 -8.44
CA PHE B 204 -12.91 8.58 -9.82
C PHE B 204 -11.67 8.12 -10.55
N LYS B 205 -11.63 8.38 -11.86
CA LYS B 205 -10.44 8.18 -12.67
C LYS B 205 -10.40 9.21 -13.81
N VAL B 206 -9.21 9.47 -14.33
CA VAL B 206 -9.03 10.45 -15.41
C VAL B 206 -9.10 9.78 -16.78
N ASN B 207 -9.59 10.51 -17.77
CA ASN B 207 -9.64 10.00 -19.14
C ASN B 207 -8.25 10.00 -19.77
N THR B 208 -7.48 11.05 -19.50
CA THR B 208 -6.12 11.20 -20.06
C THR B 208 -5.10 11.37 -18.94
N THR B 209 -4.01 10.62 -19.03
CA THR B 209 -2.92 10.73 -18.07
C THR B 209 -2.28 12.11 -18.14
N GLY B 210 -2.07 12.71 -16.98
CA GLY B 210 -1.47 14.05 -16.91
C GLY B 210 -1.47 14.60 -15.50
N VAL B 211 -1.04 15.85 -15.36
CA VAL B 211 -1.03 16.54 -14.07
C VAL B 211 -2.36 17.25 -13.89
N TYR B 212 -2.90 17.22 -12.67
CA TYR B 212 -4.19 17.84 -12.40
C TYR B 212 -4.16 18.71 -11.14
N LYS B 213 -4.82 19.86 -11.23
CA LYS B 213 -5.06 20.73 -10.08
C LYS B 213 -6.44 20.35 -9.56
N ILE B 214 -6.54 20.07 -8.26
CA ILE B 214 -7.79 19.67 -7.64
C ILE B 214 -8.01 20.52 -6.38
N THR B 215 -9.22 21.04 -6.23
CA THR B 215 -9.50 21.95 -5.13
C THR B 215 -11.00 22.11 -4.93
N THR B 216 -11.38 22.56 -3.75
CA THR B 216 -12.74 23.03 -3.50
C THR B 216 -12.80 24.46 -3.96
N LYS B 217 -14.01 24.98 -4.16
CA LYS B 217 -14.18 26.41 -4.46
C LYS B 217 -13.80 27.18 -3.19
N ASN B 218 -13.09 28.29 -3.36
CA ASN B 218 -12.49 29.03 -2.24
C ASN B 218 -11.33 28.29 -1.55
N ASN B 219 -10.93 27.14 -2.11
CA ASN B 219 -9.82 26.35 -1.57
C ASN B 219 -9.99 25.89 -0.12
N LEU B 220 -11.24 25.78 0.33
CA LEU B 220 -11.55 25.23 1.66
C LEU B 220 -12.76 24.30 1.55
N PRO B 221 -12.74 23.17 2.28
CA PRO B 221 -11.70 22.70 3.18
C PRO B 221 -10.51 22.12 2.41
N PRO B 222 -9.43 21.74 3.13
CA PRO B 222 -8.37 20.97 2.49
C PRO B 222 -8.84 19.59 2.06
N LEU B 223 -8.22 19.06 1.01
CA LEU B 223 -8.55 17.73 0.50
C LEU B 223 -7.43 16.72 0.75
N ILE B 224 -7.76 15.45 0.60
CA ILE B 224 -6.78 14.36 0.63
C ILE B 224 -7.06 13.45 -0.56
N ILE B 225 -6.01 13.03 -1.25
CA ILE B 225 -6.15 12.12 -2.39
C ILE B 225 -5.35 10.83 -2.16
N TYR B 226 -5.95 9.70 -2.54
CA TYR B 226 -5.35 8.39 -2.41
C TYR B 226 -5.38 7.62 -3.73
N GLU B 227 -4.46 6.66 -3.89
CA GLU B 227 -4.53 5.64 -4.94
C GLU B 227 -5.20 4.39 -4.37
N ALA B 228 -6.06 3.75 -5.16
CA ALA B 228 -6.54 2.41 -4.84
C ALA B 228 -5.41 1.42 -5.18
N ILE B 229 -4.97 0.65 -4.19
CA ILE B 229 -3.83 -0.25 -4.35
C ILE B 229 -4.25 -1.54 -5.05
N GLY B 230 -3.70 -1.76 -6.25
CA GLY B 230 -3.99 -2.96 -7.04
C GLY B 230 -5.03 -2.78 -8.13
N SER B 231 -5.50 -1.54 -8.32
CA SER B 231 -6.54 -1.27 -9.31
C SER B 231 -6.04 -1.34 -10.75
N SER B 232 -4.74 -1.12 -10.97
CA SER B 232 -4.16 -1.18 -12.32
C SER B 232 -4.25 -2.57 -12.93
N ASN B 233 -4.13 -2.64 -14.26
CA ASN B 233 -4.43 -3.88 -15.02
C ASN B 233 -5.93 -4.10 -14.59
N ARG B 234 -6.46 -5.32 -14.63
CA ARG B 234 -7.82 -5.67 -14.20
C ARG B 234 -8.90 -5.09 -15.13
N ASN B 235 -10.17 -5.16 -14.70
CA ASN B 235 -11.28 -4.77 -15.56
C ASN B 235 -11.27 -3.29 -15.96
N MET B 236 -11.71 -3.04 -17.18
CA MET B 236 -11.68 -1.70 -17.78
C MET B 236 -12.88 -1.51 -18.69
N ASN B 237 -13.39 -0.29 -18.71
CA ASN B 237 -14.34 0.16 -19.73
C ASN B 237 -13.92 1.54 -20.24
N SER B 238 -14.01 1.73 -21.55
CA SER B 238 -13.58 2.99 -22.18
C SER B 238 -14.30 4.21 -21.57
N ASN B 239 -15.62 4.12 -21.50
CA ASN B 239 -16.45 5.25 -21.05
C ASN B 239 -17.03 5.06 -19.65
N ASN B 240 -16.39 4.23 -18.84
CA ASN B 240 -16.91 3.91 -17.51
C ASN B 240 -15.81 3.47 -16.55
N LEU B 241 -15.92 3.92 -15.30
CA LEU B 241 -15.00 3.50 -14.24
C LEU B 241 -15.42 2.13 -13.74
N SER B 242 -14.46 1.19 -13.71
CA SER B 242 -14.72 -0.17 -13.25
C SER B 242 -14.41 -0.28 -11.76
N ASN B 243 -15.47 -0.32 -10.95
CA ASN B 243 -15.32 -0.44 -9.50
C ASN B 243 -15.11 -1.90 -9.12
N ASP B 244 -13.94 -2.19 -8.54
CA ASP B 244 -13.59 -3.55 -8.12
C ASP B 244 -13.49 -3.65 -6.58
N ASN B 245 -14.10 -2.70 -5.89
CA ASN B 245 -14.23 -2.71 -4.42
C ASN B 245 -12.91 -2.81 -3.66
N ILE B 246 -11.88 -2.13 -4.16
CA ILE B 246 -10.59 -2.11 -3.48
C ILE B 246 -10.64 -1.08 -2.36
N LYS B 247 -10.56 -1.56 -1.12
CA LYS B 247 -10.60 -0.69 0.05
C LYS B 247 -9.20 -0.37 0.56
N ALA B 248 -8.17 -0.95 -0.05
CA ALA B 248 -6.78 -0.65 0.29
C ALA B 248 -6.34 0.62 -0.46
N ILE B 249 -5.91 1.62 0.29
CA ILE B 249 -5.64 2.93 -0.27
C ILE B 249 -4.24 3.43 0.09
N LYS B 250 -3.55 3.99 -0.90
CA LYS B 250 -2.23 4.58 -0.72
C LYS B 250 -2.33 6.09 -0.72
N TYR B 251 -1.90 6.71 0.37
CA TYR B 251 -1.89 8.16 0.52
C TYR B 251 -0.92 8.83 -0.45
N ILE B 252 -1.40 9.82 -1.18
CA ILE B 252 -0.56 10.58 -2.12
C ILE B 252 -0.21 11.95 -1.52
N THR B 253 -1.22 12.80 -1.32
CA THR B 253 -1.00 14.09 -0.66
C THR B 253 -2.31 14.66 -0.11
N GLY B 254 -2.18 15.63 0.79
CA GLY B 254 -3.34 16.28 1.41
C GLY B 254 -3.25 16.23 2.92
N LEU B 255 -4.16 16.95 3.58
CA LEU B 255 -4.14 17.03 5.04
C LEU B 255 -5.52 17.31 5.63
N ASN B 256 -5.59 17.23 6.96
CA ASN B 256 -6.85 17.41 7.70
C ASN B 256 -7.02 18.80 8.30
N ARG B 257 -5.92 19.47 8.63
CA ARG B 257 -5.97 20.76 9.34
C ARG B 257 -6.98 21.70 8.70
N SER B 258 -8.04 22.03 9.45
CA SER B 258 -9.21 22.71 8.89
C SER B 258 -8.96 24.09 8.28
N ASP B 259 -7.90 24.78 8.69
CA ASP B 259 -7.60 26.12 8.17
C ASP B 259 -6.58 26.13 7.01
N ALA B 260 -6.15 24.96 6.57
CA ALA B 260 -5.16 24.87 5.49
C ALA B 260 -5.79 25.09 4.13
N LYS B 261 -6.07 26.34 3.77
CA LYS B 261 -6.64 26.62 2.46
C LYS B 261 -5.60 26.30 1.39
N SER B 262 -6.01 25.51 0.40
CA SER B 262 -5.06 24.85 -0.48
C SER B 262 -5.69 24.21 -1.70
N TYR B 263 -4.82 23.81 -2.63
CA TYR B 263 -5.19 22.94 -3.73
C TYR B 263 -4.12 21.89 -3.87
N LEU B 264 -4.36 20.92 -4.74
CA LEU B 264 -3.45 19.80 -4.91
C LEU B 264 -2.97 19.76 -6.36
N ILE B 265 -1.67 19.58 -6.54
CA ILE B 265 -1.08 19.30 -7.85
C ILE B 265 -0.62 17.86 -7.82
N VAL B 266 -1.24 17.02 -8.63
CA VAL B 266 -1.00 15.58 -8.60
C VAL B 266 -0.90 14.98 -9.99
N SER B 267 0.06 14.07 -10.16
CA SER B 267 0.17 13.31 -11.38
C SER B 267 -0.80 12.12 -11.29
N LEU B 268 -1.71 12.03 -12.24
CA LEU B 268 -2.74 10.98 -12.25
C LEU B 268 -2.65 10.16 -13.54
N PHE B 269 -2.87 8.85 -13.42
CA PHE B 269 -2.72 7.94 -14.55
C PHE B 269 -4.03 7.27 -14.93
N LYS B 270 -4.23 7.09 -16.23
CA LYS B 270 -5.47 6.55 -16.82
C LYS B 270 -5.87 5.19 -16.23
N ASP B 271 -4.88 4.31 -16.06
CA ASP B 271 -5.14 2.93 -15.63
C ASP B 271 -5.50 2.76 -14.13
N LYS B 272 -5.27 3.81 -13.33
CA LYS B 272 -5.51 3.73 -11.89
C LYS B 272 -6.86 4.28 -11.48
N ASN B 273 -7.30 3.89 -10.29
CA ASN B 273 -8.48 4.47 -9.64
C ASN B 273 -8.05 5.25 -8.41
N TYR B 274 -8.68 6.39 -8.16
CA TYR B 274 -8.30 7.27 -7.07
C TYR B 274 -9.48 7.57 -6.14
N TYR B 275 -9.15 7.97 -4.91
CA TYR B 275 -10.14 8.42 -3.96
C TYR B 275 -9.73 9.81 -3.45
N ILE B 276 -10.71 10.71 -3.39
CA ILE B 276 -10.54 11.99 -2.70
C ILE B 276 -11.41 11.96 -1.44
N ARG B 277 -10.81 12.24 -0.28
CA ARG B 277 -11.59 12.35 0.95
C ARG B 277 -11.95 13.80 1.19
N ILE B 278 -13.25 14.08 1.18
CA ILE B 278 -13.78 15.38 1.50
C ILE B 278 -14.24 15.32 2.96
N PRO B 279 -13.68 16.19 3.82
CA PRO B 279 -14.15 16.19 5.21
C PRO B 279 -15.59 16.70 5.35
N GLN B 280 -16.15 16.53 6.54
CA GLN B 280 -17.48 17.04 6.83
C GLN B 280 -17.48 18.56 6.68
N ILE B 281 -18.47 19.09 5.95
CA ILE B 281 -18.66 20.54 5.85
C ILE B 281 -20.10 20.85 6.31
N SER B 282 -20.20 21.54 7.45
CA SER B 282 -21.48 21.80 8.09
C SER B 282 -22.29 22.91 7.40
N SER B 283 -21.64 23.65 6.50
CA SER B 283 -22.31 24.67 5.69
C SER B 283 -23.56 24.15 4.97
N SER B 284 -24.55 25.01 4.82
CA SER B 284 -25.79 24.65 4.11
C SER B 284 -25.75 25.01 2.62
N THR B 285 -24.72 25.74 2.19
CA THR B 285 -24.51 26.01 0.76
C THR B 285 -23.68 24.88 0.11
N THR B 286 -24.01 24.55 -1.14
CA THR B 286 -23.40 23.41 -1.82
C THR B 286 -21.95 23.65 -2.25
N SER B 287 -21.06 22.77 -1.80
CA SER B 287 -19.64 22.84 -2.13
C SER B 287 -19.34 22.04 -3.41
N GLN B 288 -18.18 22.30 -4.01
CA GLN B 288 -17.79 21.65 -5.26
C GLN B 288 -16.36 21.11 -5.23
N LEU B 289 -16.12 20.06 -6.01
CA LEU B 289 -14.78 19.58 -6.32
C LEU B 289 -14.46 19.97 -7.76
N ILE B 290 -13.40 20.73 -7.96
CA ILE B 290 -13.03 21.21 -9.29
C ILE B 290 -11.73 20.54 -9.73
N PHE B 291 -11.78 19.87 -10.88
CA PHE B 291 -10.62 19.23 -11.48
C PHE B 291 -10.19 20.05 -12.67
N LYS B 292 -8.88 20.20 -12.86
CA LYS B 292 -8.33 20.99 -13.96
C LYS B 292 -6.99 20.41 -14.41
N ARG B 293 -6.98 19.83 -15.61
CA ARG B 293 -5.76 19.35 -16.25
C ARG B 293 -4.78 20.52 -16.42
N GLU B 294 -3.51 20.28 -16.11
CA GLU B 294 -2.47 21.31 -16.20
C GLU B 294 -1.33 20.86 -17.10
N LEU B 295 -1.17 21.55 -18.23
CA LEU B 295 0.02 21.39 -19.08
C LEU B 295 1.07 22.38 -18.59
N GLY B 296 2.33 22.11 -18.93
CA GLY B 296 3.43 22.98 -18.52
C GLY B 296 4.13 22.53 -17.24
N ASN B 297 5.16 23.27 -16.85
CA ASN B 297 6.06 22.84 -15.78
C ASN B 297 5.53 23.03 -14.36
N ILE B 298 4.24 23.35 -14.22
CA ILE B 298 3.57 23.25 -12.92
C ILE B 298 3.67 21.81 -12.40
N SER B 299 3.92 20.87 -13.32
CA SER B 299 4.24 19.48 -13.00
C SER B 299 5.41 19.30 -12.00
N ASP B 300 6.29 20.30 -11.91
CA ASP B 300 7.37 20.30 -10.93
C ASP B 300 6.86 20.04 -9.51
N LEU B 301 5.64 20.50 -9.23
CA LEU B 301 5.01 20.29 -7.93
C LEU B 301 4.46 18.85 -7.74
N ALA B 302 4.62 18.00 -8.78
CA ALA B 302 4.18 16.59 -8.84
C ALA B 302 3.95 15.97 -7.50
N ASP B 303 2.66 15.87 -7.20
CA ASP B 303 2.12 15.42 -5.93
C ASP B 303 2.59 16.32 -4.79
N SER B 304 1.78 17.33 -4.53
CA SER B 304 1.98 18.23 -3.40
C SER B 304 0.69 18.95 -3.09
N THR B 305 0.53 19.32 -1.83
CA THR B 305 -0.50 20.28 -1.44
C THR B 305 0.14 21.66 -1.55
N VAL B 306 -0.56 22.59 -2.20
CA VAL B 306 -0.12 23.98 -2.29
C VAL B 306 -0.91 24.80 -1.29
N ASN B 307 -0.25 25.20 -0.20
CA ASN B 307 -0.86 26.03 0.82
C ASN B 307 -0.88 27.48 0.41
N ILE B 308 -2.06 28.10 0.37
CA ILE B 308 -2.17 29.50 0.01
C ILE B 308 -1.96 30.34 1.25
N LEU B 309 -0.94 31.20 1.22
CA LEU B 309 -0.58 32.04 2.36
C LEU B 309 -1.22 33.42 2.23
N ASP B 310 -1.86 33.88 3.32
CA ASP B 310 -2.64 35.12 3.30
C ASP B 310 -2.21 36.07 4.42
N ASN B 311 -2.81 37.27 4.43
CA ASN B 311 -2.57 38.34 5.40
C ASN B 311 -1.14 38.61 5.89
N LEU B 312 -0.18 38.62 4.96
CA LEU B 312 1.21 38.88 5.28
C LEU B 312 1.56 40.32 4.86
N ASN B 313 0.61 41.24 5.10
CA ASN B 313 0.84 42.67 4.89
C ASN B 313 1.71 43.20 6.04
N THR B 314 1.45 42.70 7.25
CA THR B 314 2.30 42.95 8.40
C THR B 314 3.71 42.41 8.17
N SER B 315 4.68 42.91 8.93
CA SER B 315 6.08 42.53 8.78
C SER B 315 6.52 41.56 9.86
N GLY B 316 7.60 40.83 9.58
CA GLY B 316 8.19 39.89 10.53
C GLY B 316 7.61 38.49 10.42
N THR B 317 7.38 37.88 11.58
CA THR B 317 6.96 36.49 11.70
C THR B 317 5.61 36.17 11.02
N HIS B 318 5.59 35.12 10.22
CA HIS B 318 4.34 34.56 9.67
C HIS B 318 4.41 33.04 9.65
N TYR B 319 4.01 32.41 10.76
CA TYR B 319 4.13 30.96 10.91
C TYR B 319 2.91 30.23 10.34
N TYR B 320 3.17 29.14 9.64
CA TYR B 320 2.11 28.25 9.14
C TYR B 320 2.45 26.80 9.48
N THR B 321 1.66 26.20 10.37
CA THR B 321 1.88 24.82 10.81
C THR B 321 1.02 23.87 9.98
N ARG B 322 1.67 22.91 9.33
CA ARG B 322 0.99 21.92 8.48
C ARG B 322 1.57 20.52 8.70
N GLN B 323 0.76 19.49 8.44
CA GLN B 323 1.21 18.10 8.46
C GLN B 323 2.41 17.95 7.53
N SER B 324 3.50 17.38 8.07
CA SER B 324 4.72 17.21 7.30
C SER B 324 4.58 16.07 6.29
N PRO B 325 5.05 16.30 5.05
CA PRO B 325 5.27 15.17 4.16
C PRO B 325 6.40 14.30 4.68
N ASP B 326 6.42 13.05 4.23
CA ASP B 326 7.51 12.13 4.57
C ASP B 326 8.81 12.63 3.93
N VAL B 327 9.93 12.10 4.39
CA VAL B 327 11.22 12.37 3.78
C VAL B 327 11.13 12.09 2.29
N GLY B 328 11.57 13.05 1.47
CA GLY B 328 11.57 12.88 0.01
C GLY B 328 10.39 13.49 -0.71
N ASN B 329 9.32 13.80 0.01
CA ASN B 329 8.09 14.32 -0.60
C ASN B 329 7.90 15.83 -0.43
N TYR B 330 6.97 16.38 -1.20
CA TYR B 330 6.79 17.83 -1.30
C TYR B 330 5.70 18.41 -0.42
N ILE B 331 5.93 19.62 0.09
CA ILE B 331 4.87 20.50 0.56
C ILE B 331 5.16 21.88 -0.01
N SER B 332 4.11 22.55 -0.52
CA SER B 332 4.29 23.80 -1.25
C SER B 332 3.44 24.93 -0.66
N TYR B 333 3.88 26.16 -0.92
CA TYR B 333 3.23 27.35 -0.38
C TYR B 333 3.15 28.42 -1.46
N GLN B 334 1.96 28.98 -1.65
CA GLN B 334 1.74 30.04 -2.65
C GLN B 334 1.62 31.41 -1.98
N LEU B 335 2.37 32.38 -2.51
CA LEU B 335 2.39 33.76 -2.03
C LEU B 335 2.06 34.72 -3.15
N THR B 336 1.08 35.59 -2.94
CA THR B 336 0.88 36.75 -3.80
C THR B 336 1.35 37.97 -3.02
N ILE B 337 2.41 38.62 -3.50
CA ILE B 337 3.06 39.69 -2.77
C ILE B 337 2.18 40.95 -2.72
N PRO B 338 1.93 41.50 -1.51
CA PRO B 338 1.14 42.74 -1.37
C PRO B 338 1.68 43.93 -2.17
N GLY B 339 0.77 44.77 -2.64
CA GLY B 339 1.11 45.94 -3.46
C GLY B 339 0.79 45.74 -4.92
N ASP B 340 0.72 46.84 -5.67
CA ASP B 340 0.42 46.78 -7.11
C ASP B 340 1.67 46.41 -7.92
N PHE B 341 1.44 45.84 -9.10
CA PHE B 341 2.51 45.30 -9.92
C PHE B 341 3.08 46.31 -10.93
N ASN B 342 4.34 46.77 -10.70
CA ASN B 342 5.12 47.59 -11.72
C ASN B 342 6.46 46.78 -11.87
N ASN B 343 7.56 47.10 -11.11
CA ASN B 343 8.74 46.26 -10.90
C ASN B 343 9.52 46.58 -9.60
N ILE B 344 8.81 47.10 -8.58
CA ILE B 344 9.40 47.26 -7.26
C ILE B 344 9.19 46.01 -6.40
N ALA B 345 10.23 45.64 -5.63
CA ALA B 345 10.19 44.50 -4.74
C ALA B 345 9.65 44.90 -3.37
N SER B 346 8.93 43.99 -2.73
CA SER B 346 8.36 44.25 -1.40
C SER B 346 9.39 43.93 -0.33
N SER B 347 9.40 44.76 0.72
CA SER B 347 10.25 44.55 1.88
C SER B 347 10.70 43.10 1.92
N ILE B 348 11.94 42.89 1.48
CA ILE B 348 12.51 41.57 1.22
C ILE B 348 11.94 40.43 2.08
N PHE B 349 11.79 39.26 1.46
CA PHE B 349 11.26 38.08 2.13
C PHE B 349 12.35 37.04 2.41
N SER B 350 12.19 36.33 3.52
CA SER B 350 13.12 35.28 3.93
C SER B 350 12.32 34.06 4.39
N PHE B 351 12.61 32.91 3.79
CA PHE B 351 11.83 31.69 4.03
C PHE B 351 12.63 30.66 4.80
N ARG B 352 12.08 30.22 5.94
CA ARG B 352 12.69 29.15 6.74
C ARG B 352 11.63 28.18 7.27
N THR B 353 12.05 26.94 7.54
CA THR B 353 11.19 25.98 8.25
C THR B 353 11.65 25.92 9.69
N ARG B 354 10.83 25.34 10.58
CA ARG B 354 11.16 25.35 12.01
C ARG B 354 11.20 24.00 12.72
N ASN B 355 10.54 22.97 12.17
CA ASN B 355 10.59 21.63 12.80
C ASN B 355 11.41 20.64 11.98
N ASN B 356 11.09 20.53 10.70
CA ASN B 356 11.69 19.55 9.82
C ASN B 356 12.61 20.23 8.79
N GLN B 357 13.71 19.56 8.46
CA GLN B 357 14.64 20.05 7.46
C GLN B 357 14.13 19.75 6.06
N GLY B 358 14.52 20.59 5.10
CA GLY B 358 14.13 20.40 3.71
C GLY B 358 14.97 21.19 2.74
N ILE B 359 14.82 20.89 1.45
CA ILE B 359 15.65 21.51 0.43
C ILE B 359 15.04 22.84 -0.03
N GLY B 360 13.92 22.81 -0.73
CA GLY B 360 13.26 24.10 -1.04
C GLY B 360 13.67 24.80 -2.33
N THR B 361 12.65 25.21 -3.09
CA THR B 361 12.81 25.84 -4.40
C THR B 361 11.81 27.00 -4.51
N LEU B 362 12.29 28.18 -4.86
CA LEU B 362 11.42 29.35 -5.06
C LEU B 362 11.10 29.51 -6.53
N TYR B 363 9.82 29.55 -6.86
CA TYR B 363 9.36 29.72 -8.23
C TYR B 363 8.60 31.03 -8.39
N ARG B 364 8.65 31.58 -9.60
CA ARG B 364 7.82 32.70 -10.01
C ARG B 364 6.69 32.12 -10.86
N LEU B 365 5.45 32.25 -10.38
CA LEU B 365 4.29 31.73 -11.10
C LEU B 365 3.78 32.79 -12.08
N THR B 366 3.90 32.49 -13.37
CA THR B 366 3.41 33.42 -14.42
C THR B 366 1.95 33.10 -14.76
N GLU B 367 1.36 33.96 -15.58
CA GLU B 367 -0.03 33.83 -16.03
C GLU B 367 -0.14 33.93 -17.56
N SER B 368 0.95 33.64 -18.25
CA SER B 368 1.01 33.75 -19.72
C SER B 368 0.15 32.69 -20.40
N ILE B 369 -0.60 33.10 -21.42
CA ILE B 369 -1.66 32.26 -22.00
C ILE B 369 -1.15 30.98 -22.70
N ASN B 370 -0.83 29.98 -21.90
CA ASN B 370 -0.62 28.56 -22.31
C ASN B 370 -0.83 27.64 -21.08
N GLY B 371 -1.80 27.95 -20.19
CA GLY B 371 -1.67 27.40 -18.84
C GLY B 371 -0.74 28.27 -18.01
N TYR B 372 -0.28 27.75 -16.88
CA TYR B 372 0.68 28.45 -16.03
C TYR B 372 2.11 28.02 -16.36
N ASN B 373 3.07 28.90 -16.09
CA ASN B 373 4.50 28.56 -16.19
C ASN B 373 5.24 28.93 -14.91
N LEU B 374 6.27 28.15 -14.58
CA LEU B 374 7.11 28.39 -13.42
C LEU B 374 8.53 28.73 -13.85
N ILE B 375 9.06 29.83 -13.32
CA ILE B 375 10.46 30.19 -13.52
C ILE B 375 11.18 30.04 -12.19
N THR B 376 12.25 29.24 -12.18
CA THR B 376 13.04 29.00 -10.98
C THR B 376 13.81 30.27 -10.64
N ILE B 377 13.67 30.72 -9.40
CA ILE B 377 14.33 31.92 -8.92
C ILE B 377 15.58 31.54 -8.15
N ASN B 378 15.44 30.58 -7.24
CA ASN B 378 16.55 30.13 -6.41
C ASN B 378 16.25 28.77 -5.79
N ASN B 379 17.31 28.07 -5.38
CA ASN B 379 17.21 26.87 -4.56
C ASN B 379 17.96 27.09 -3.25
N TYR B 380 17.58 26.35 -2.22
CA TYR B 380 18.24 26.44 -0.91
C TYR B 380 18.55 25.03 -0.43
N SER B 381 19.79 24.79 -0.01
CA SER B 381 20.19 23.45 0.44
C SER B 381 19.53 23.07 1.76
N ASP B 382 19.53 24.02 2.72
CA ASP B 382 18.92 23.82 4.03
C ASP B 382 17.91 24.94 4.32
N LEU B 383 16.77 24.55 4.88
CA LEU B 383 15.68 25.47 5.19
C LEU B 383 15.55 25.74 6.69
N LEU B 384 15.98 24.79 7.51
CA LEU B 384 15.71 24.85 8.94
C LEU B 384 16.47 25.99 9.60
N ASN B 385 15.80 27.00 10.15
CA ASN B 385 16.43 28.07 11.01
C ASN B 385 17.61 28.87 10.47
N ASN B 386 18.05 28.49 9.28
CA ASN B 386 19.00 29.31 8.54
C ASN B 386 18.53 29.54 7.10
N VAL B 387 18.59 30.80 6.66
CA VAL B 387 18.26 31.16 5.28
C VAL B 387 18.62 32.64 4.96
N GLU B 388 18.91 32.87 3.68
CA GLU B 388 19.26 34.20 3.18
C GLU B 388 18.02 34.95 2.70
N PRO B 389 18.00 36.29 2.89
CA PRO B 389 16.86 37.09 2.43
C PRO B 389 16.83 37.32 0.91
N ILE B 390 15.64 37.56 0.37
CA ILE B 390 15.46 37.75 -1.07
C ILE B 390 14.29 38.72 -1.34
N SER B 391 14.41 39.52 -2.39
CA SER B 391 13.40 40.52 -2.73
C SER B 391 12.47 40.00 -3.83
N LEU B 392 11.16 40.17 -3.61
CA LEU B 392 10.14 39.68 -4.51
C LEU B 392 9.28 40.84 -5.02
N LEU B 393 8.93 40.79 -6.30
CA LEU B 393 8.13 41.85 -6.94
C LEU B 393 6.72 41.97 -6.35
N ASN B 394 6.25 43.20 -6.19
CA ASN B 394 4.92 43.48 -5.66
C ASN B 394 3.84 43.01 -6.62
N GLY B 395 2.78 42.43 -6.07
CA GLY B 395 1.66 41.93 -6.87
C GLY B 395 2.01 40.73 -7.74
N ALA B 396 3.15 40.11 -7.47
CA ALA B 396 3.58 38.91 -8.20
C ALA B 396 3.28 37.68 -7.36
N THR B 397 3.07 36.55 -8.03
CA THR B 397 2.74 35.29 -7.34
C THR B 397 3.94 34.36 -7.36
N TYR B 398 4.37 33.95 -6.17
CA TYR B 398 5.48 33.02 -6.02
C TYR B 398 5.02 31.74 -5.32
N ILE B 399 5.64 30.62 -5.69
CA ILE B 399 5.42 29.34 -5.04
C ILE B 399 6.73 28.84 -4.46
N PHE B 400 6.69 28.37 -3.21
CA PHE B 400 7.86 27.84 -2.53
C PHE B 400 7.64 26.36 -2.22
N ARG B 401 8.40 25.50 -2.90
CA ARG B 401 8.30 24.04 -2.76
C ARG B 401 9.33 23.56 -1.75
N VAL B 402 8.89 22.80 -0.75
CA VAL B 402 9.81 22.17 0.21
C VAL B 402 9.86 20.67 -0.02
N LYS B 403 11.06 20.13 -0.12
CA LYS B 403 11.27 18.69 -0.21
C LYS B 403 11.87 18.25 1.12
N VAL B 404 11.11 17.49 1.89
CA VAL B 404 11.50 17.13 3.25
C VAL B 404 12.73 16.22 3.25
N THR B 405 13.70 16.52 4.10
CA THR B 405 14.92 15.72 4.21
C THR B 405 15.15 15.12 5.60
N GLU B 406 14.50 15.66 6.62
CA GLU B 406 14.44 14.95 7.89
C GLU B 406 13.13 15.23 8.64
N LEU B 407 12.55 14.15 9.16
CA LEU B 407 11.22 14.15 9.76
C LEU B 407 11.39 14.01 11.28
N ASN B 408 11.52 15.13 11.96
CA ASN B 408 11.67 15.17 13.43
C ASN B 408 10.36 15.33 14.17
N ASN B 409 9.35 15.86 13.48
CA ASN B 409 8.06 16.18 14.10
C ASN B 409 6.93 15.90 13.09
N TYR B 410 5.75 15.58 13.62
CA TYR B 410 4.58 15.31 12.78
C TYR B 410 4.21 16.50 11.90
N ASN B 411 4.37 17.72 12.44
CA ASN B 411 4.10 18.94 11.69
C ASN B 411 5.39 19.62 11.24
N ILE B 412 5.39 20.12 10.00
CA ILE B 412 6.41 21.04 9.54
C ILE B 412 5.87 22.47 9.65
N ILE B 413 6.68 23.37 10.20
CA ILE B 413 6.29 24.77 10.35
C ILE B 413 6.99 25.59 9.26
N PHE B 414 6.23 26.42 8.55
CA PHE B 414 6.79 27.30 7.52
C PHE B 414 6.71 28.76 7.95
N ASP B 415 7.79 29.50 7.74
CA ASP B 415 7.89 30.90 8.13
C ASP B 415 8.22 31.74 6.91
N ALA B 416 7.28 32.60 6.53
CA ALA B 416 7.52 33.61 5.50
C ALA B 416 7.81 34.92 6.22
N TYR B 417 9.09 35.21 6.40
CA TYR B 417 9.52 36.40 7.14
C TYR B 417 9.60 37.60 6.20
N ARG B 418 8.89 38.67 6.53
CA ARG B 418 9.02 39.95 5.83
C ARG B 418 9.89 40.85 6.70
N ASN B 419 11.16 41.00 6.34
CA ASN B 419 12.13 41.69 7.20
C ASN B 419 11.85 43.18 7.35
N SER B 420 12.19 43.97 6.34
CA SER B 420 12.14 45.44 6.46
C SER B 420 10.71 45.98 6.42
#